data_9RDZ
#
_entry.id   9RDZ
#
_cell.length_a   52.385
_cell.length_b   72.049
_cell.length_c   98.384
_cell.angle_alpha   90.000
_cell.angle_beta   90.000
_cell.angle_gamma   90.000
#
_symmetry.space_group_name_H-M   'P 21 21 21'
#
loop_
_entity.id
_entity.type
_entity.pdbx_description
1 polymer 'cAMP-dependent protein kinase catalytic subunit alpha'
2 non-polymer DI(HYDROXYETHYL)ETHER
3 non-polymer '[(3~{S},3~{a}~{R},6~{R},6~{a}~{S})-3-azanyl-2,3,3~{a},5,6,6~{a}-hexahydrofuro[3,2-b]furan-6-yl] ~{N}-phenylcarbamate'
4 non-polymer 'DIMETHYL SULFOXIDE'
5 water water
#
_entity_poly.entity_id   1
_entity_poly.type   'polypeptide(L)'
_entity_poly.pdbx_seq_one_letter_code
;GHMGNAAAAKKGSEQESVKEFLAKAKEEFLKKWESPSQNTAQLDHFDRIKTLGTGSFGRVMLVKHKETGNHYAMKILDKQ
KVVKLKQIEHTLNEKRILQAVNFPFLVKLEFSFKDNSNLYMVMEYVPGGEMFSHLRRIGRF(SEP)EPHARFYAAQIVLT
FEYLHSLDLIYRDLKPENLLIDQQGYIQVTDFGFAKRVKGRTW(TPO)LCGTPEYLAPEIILSKGYNKAVDWWALGVLIY
EMAAGYPPFFADQPIQIYEKIVSGKVRFPSHFSSDLKDLLRNLLQVDLTKRFGNLKNGVNDIKNHKWFATTDWIAIYQRK
VEAPFIPKFKGPGDTSNFDDYEEEEIRV(SEP)INEKCGKEFTEF
;
_entity_poly.pdbx_strand_id   A
#
loop_
_chem_comp.id
_chem_comp.type
_chem_comp.name
_chem_comp.formula
A1JE9 non-polymer '[(3~{S},3~{a}~{R},6~{R},6~{a}~{S})-3-azanyl-2,3,3~{a},5,6,6~{a}-hexahydrofuro[3,2-b]furan-6-yl] ~{N}-phenylcarbamate' 'C13 H16 N2 O4'
DMS non-polymer 'DIMETHYL SULFOXIDE' 'C2 H6 O S'
PEG non-polymer DI(HYDROXYETHYL)ETHER 'C4 H10 O3'
#
# COMPACT_ATOMS: atom_id res chain seq x y z
CA GLU A 14 10.29 -21.39 10.64
C GLU A 14 11.64 -21.40 11.35
N GLN A 15 12.66 -20.85 10.71
CA GLN A 15 13.95 -20.71 11.36
C GLN A 15 13.87 -19.74 12.52
N GLU A 16 14.71 -19.99 13.53
CA GLU A 16 14.72 -19.18 14.75
C GLU A 16 15.06 -17.72 14.45
N SER A 17 15.86 -17.45 13.42
CA SER A 17 16.20 -16.08 13.09
C SER A 17 14.98 -15.30 12.59
N VAL A 18 14.05 -15.98 11.91
CA VAL A 18 12.83 -15.32 11.48
C VAL A 18 11.90 -15.09 12.66
N LYS A 19 11.74 -16.13 13.51
CA LYS A 19 10.91 -15.99 14.70
C LYS A 19 11.41 -14.85 15.60
N GLU A 20 12.73 -14.78 15.83
CA GLU A 20 13.26 -13.72 16.69
C GLU A 20 13.18 -12.36 16.01
N PHE A 21 13.37 -12.30 14.69
CA PHE A 21 13.18 -11.03 13.99
C PHE A 21 11.77 -10.49 14.21
N LEU A 22 10.76 -11.35 14.04
CA LEU A 22 9.37 -10.88 14.15
C LEU A 22 8.99 -10.56 15.59
N ALA A 23 9.57 -11.28 16.57
CA ALA A 23 9.29 -10.93 17.97
C ALA A 23 9.82 -9.54 18.32
N LYS A 24 11.05 -9.22 17.85
CA LYS A 24 11.60 -7.87 18.06
C LYS A 24 10.80 -6.82 17.30
N ALA A 25 10.39 -7.12 16.06
CA ALA A 25 9.59 -6.15 15.31
C ALA A 25 8.29 -5.83 16.04
N LYS A 26 7.65 -6.83 16.65
CA LYS A 26 6.38 -6.56 17.35
C LYS A 26 6.61 -5.74 18.61
N GLU A 27 7.69 -6.03 19.36
CA GLU A 27 8.05 -5.23 20.53
C GLU A 27 8.24 -3.76 20.18
N GLU A 28 8.99 -3.47 19.11
CA GLU A 28 9.24 -2.09 18.75
C GLU A 28 7.96 -1.40 18.24
N PHE A 29 7.14 -2.11 17.46
CA PHE A 29 5.86 -1.56 17.02
C PHE A 29 4.98 -1.19 18.21
N LEU A 30 4.86 -2.10 19.20
CA LEU A 30 3.92 -1.85 20.29
C LEU A 30 4.31 -0.64 21.15
N LYS A 31 5.60 -0.36 21.32
CA LYS A 31 6.00 0.80 22.12
C LYS A 31 5.56 2.11 21.48
N LYS A 32 5.73 2.23 20.16
CA LYS A 32 5.24 3.43 19.48
C LYS A 32 3.72 3.44 19.38
N TRP A 33 3.11 2.27 19.26
CA TRP A 33 1.65 2.20 19.11
C TRP A 33 0.96 2.74 20.36
N GLU A 34 1.55 2.44 21.51
CA GLU A 34 0.96 2.84 22.78
C GLU A 34 1.29 4.29 23.16
N SER A 35 2.30 4.90 22.54
CA SER A 35 2.65 6.30 22.81
CA SER A 35 2.65 6.30 22.81
C SER A 35 2.95 7.01 21.51
N PRO A 36 1.92 7.38 20.75
CA PRO A 36 2.14 7.98 19.42
C PRO A 36 2.78 9.36 19.49
N SER A 37 3.56 9.71 18.46
CA SER A 37 4.03 11.09 18.38
C SER A 37 2.96 12.00 17.78
N GLN A 38 3.05 13.29 18.10
CA GLN A 38 2.10 14.29 17.62
C GLN A 38 2.84 15.63 17.42
N ASN A 39 2.34 16.42 16.46
CA ASN A 39 2.67 17.85 16.37
C ASN A 39 4.19 18.10 16.23
N THR A 40 4.79 17.50 15.21
CA THR A 40 6.25 17.51 15.08
C THR A 40 6.78 18.49 14.02
N ALA A 41 5.90 19.30 13.39
CA ALA A 41 6.27 20.41 12.48
C ALA A 41 5.06 21.35 12.29
N GLN A 42 5.17 22.30 11.35
CA GLN A 42 4.01 23.12 11.01
C GLN A 42 4.10 23.54 9.53
N LEU A 43 2.98 24.05 8.99
CA LEU A 43 2.90 24.24 7.52
C LEU A 43 3.92 25.25 7.01
N ASP A 44 4.14 26.34 7.75
CA ASP A 44 5.05 27.33 7.16
C ASP A 44 6.53 27.00 7.38
N HIS A 45 6.85 25.75 7.79
CA HIS A 45 8.21 25.25 7.68
C HIS A 45 8.55 24.75 6.27
N PHE A 46 7.58 24.72 5.34
CA PHE A 46 7.73 24.11 4.03
C PHE A 46 7.37 25.09 2.91
N ASP A 47 8.05 24.93 1.76
CA ASP A 47 7.66 25.52 0.49
C ASP A 47 6.89 24.48 -0.34
N ARG A 48 5.75 24.87 -0.91
CA ARG A 48 4.98 24.01 -1.81
C ARG A 48 5.53 24.05 -3.25
N ILE A 49 5.70 22.86 -3.86
N ILE A 49 5.63 22.87 -3.89
CA ILE A 49 6.28 22.74 -5.22
CA ILE A 49 6.24 22.75 -5.21
C ILE A 49 5.22 22.33 -6.26
C ILE A 49 5.24 22.30 -6.28
N LYS A 50 4.55 21.18 -6.07
N LYS A 50 4.49 21.22 -6.03
CA LYS A 50 3.68 20.62 -7.11
CA LYS A 50 3.65 20.65 -7.10
C LYS A 50 2.66 19.66 -6.48
C LYS A 50 2.68 19.63 -6.52
N THR A 51 1.48 19.58 -7.08
CA THR A 51 0.51 18.55 -6.68
C THR A 51 0.84 17.23 -7.38
N LEU A 52 0.98 16.13 -6.61
CA LEU A 52 1.31 14.82 -7.16
C LEU A 52 0.10 13.88 -7.29
N GLY A 53 -1.01 14.20 -6.65
CA GLY A 53 -2.22 13.40 -6.83
C GLY A 53 -3.32 13.96 -5.95
N THR A 54 -4.57 13.56 -6.27
CA THR A 54 -5.75 14.11 -5.62
C THR A 54 -6.76 13.01 -5.30
N GLY A 55 -7.78 13.39 -4.53
CA GLY A 55 -8.84 12.46 -4.16
C GLY A 55 -10.04 13.18 -3.59
N SER A 56 -10.98 12.38 -3.06
CA SER A 56 -12.26 12.92 -2.58
C SER A 56 -12.09 13.83 -1.37
N PHE A 57 -11.15 13.53 -0.46
CA PHE A 57 -11.00 14.30 0.76
C PHE A 57 -9.58 14.76 1.06
N GLY A 58 -8.61 14.50 0.17
CA GLY A 58 -7.26 14.97 0.37
C GLY A 58 -6.48 15.01 -0.93
N ARG A 59 -5.20 15.41 -0.84
CA ARG A 59 -4.28 15.44 -1.96
C ARG A 59 -2.88 15.20 -1.42
N VAL A 60 -1.92 14.92 -2.31
CA VAL A 60 -0.50 14.78 -1.96
C VAL A 60 0.31 15.80 -2.76
N MET A 61 1.17 16.57 -2.07
CA MET A 61 1.97 17.61 -2.72
C MET A 61 3.46 17.39 -2.43
N LEU A 62 4.31 17.66 -3.44
CA LEU A 62 5.76 17.71 -3.20
C LEU A 62 6.07 19.04 -2.50
N VAL A 63 6.82 18.97 -1.38
CA VAL A 63 7.25 20.16 -0.64
C VAL A 63 8.75 20.08 -0.36
N LYS A 64 9.32 21.24 0.04
N LYS A 64 9.32 21.24 -0.03
CA LYS A 64 10.74 21.34 0.38
CA LYS A 64 10.70 21.35 0.43
C LYS A 64 10.87 22.03 1.73
C LYS A 64 10.71 21.94 1.83
N HIS A 65 11.54 21.36 2.69
CA HIS A 65 11.73 21.92 4.04
C HIS A 65 12.68 23.10 3.96
N LYS A 66 12.27 24.25 4.54
CA LYS A 66 13.01 25.48 4.25
C LYS A 66 14.38 25.49 4.92
N GLU A 67 14.51 24.94 6.13
CA GLU A 67 15.80 25.00 6.80
C GLU A 67 16.78 23.94 6.30
N THR A 68 16.32 22.73 6.04
CA THR A 68 17.24 21.66 5.66
C THR A 68 17.39 21.49 4.15
N GLY A 69 16.42 21.96 3.37
CA GLY A 69 16.43 21.73 1.94
C GLY A 69 15.95 20.36 1.50
N ASN A 70 15.49 19.53 2.42
CA ASN A 70 15.04 18.18 2.04
C ASN A 70 13.66 18.22 1.38
N HIS A 71 13.44 17.30 0.44
CA HIS A 71 12.13 17.14 -0.21
C HIS A 71 11.29 16.07 0.49
N TYR A 72 9.98 16.27 0.48
CA TYR A 72 9.01 15.35 1.11
C TYR A 72 7.71 15.33 0.32
N ALA A 73 6.95 14.23 0.48
CA ALA A 73 5.57 14.13 -0.01
C ALA A 73 4.61 14.40 1.16
N MET A 74 3.87 15.51 1.09
CA MET A 74 2.95 15.91 2.16
C MET A 74 1.51 15.57 1.77
N LYS A 75 0.90 14.64 2.54
CA LYS A 75 -0.52 14.30 2.35
C LYS A 75 -1.40 15.26 3.18
N ILE A 76 -2.34 15.95 2.54
CA ILE A 76 -3.21 16.95 3.21
C ILE A 76 -4.66 16.47 3.15
N LEU A 77 -5.28 16.27 4.33
CA LEU A 77 -6.69 15.86 4.42
C LEU A 77 -7.55 16.97 4.99
N ASP A 78 -8.67 17.26 4.31
CA ASP A 78 -9.64 18.27 4.77
C ASP A 78 -10.55 17.66 5.85
N LYS A 79 -10.45 18.19 7.08
CA LYS A 79 -11.19 17.61 8.21
C LYS A 79 -12.69 17.56 7.95
N GLN A 80 -13.27 18.64 7.41
CA GLN A 80 -14.72 18.60 7.19
C GLN A 80 -15.11 17.56 6.15
N LYS A 81 -14.27 17.32 5.13
CA LYS A 81 -14.62 16.30 4.15
C LYS A 81 -14.39 14.88 4.67
N VAL A 82 -13.43 14.71 5.60
CA VAL A 82 -13.23 13.41 6.21
C VAL A 82 -14.47 13.00 6.99
N VAL A 83 -14.99 13.92 7.80
CA VAL A 83 -16.19 13.64 8.58
C VAL A 83 -17.36 13.27 7.66
N LYS A 84 -17.61 14.08 6.63
CA LYS A 84 -18.75 13.85 5.75
C LYS A 84 -18.65 12.52 4.98
N LEU A 85 -17.45 12.07 4.64
CA LEU A 85 -17.29 10.80 3.95
C LEU A 85 -17.07 9.62 4.90
N LYS A 86 -17.23 9.84 6.21
CA LYS A 86 -17.22 8.78 7.21
C LYS A 86 -15.85 8.10 7.32
N GLN A 87 -14.78 8.90 7.15
CA GLN A 87 -13.42 8.37 7.19
C GLN A 87 -12.67 8.72 8.48
N ILE A 88 -13.36 9.15 9.55
CA ILE A 88 -12.65 9.59 10.75
C ILE A 88 -11.74 8.47 11.30
N GLU A 89 -12.33 7.33 11.62
CA GLU A 89 -11.55 6.23 12.19
C GLU A 89 -10.42 5.80 11.26
N HIS A 90 -10.68 5.76 9.95
CA HIS A 90 -9.65 5.38 8.98
C HIS A 90 -8.48 6.36 8.97
N THR A 91 -8.75 7.67 9.01
CA THR A 91 -7.64 8.63 9.04
C THR A 91 -6.86 8.52 10.35
N LEU A 92 -7.52 8.19 11.47
CA LEU A 92 -6.78 8.01 12.72
C LEU A 92 -5.96 6.70 12.72
N ASN A 93 -6.52 5.63 12.15
CA ASN A 93 -5.73 4.39 11.91
C ASN A 93 -4.46 4.70 11.12
N GLU A 94 -4.61 5.41 10.00
CA GLU A 94 -3.50 5.63 9.07
C GLU A 94 -2.31 6.29 9.77
N LYS A 95 -2.56 7.36 10.52
CA LYS A 95 -1.43 8.07 11.11
C LYS A 95 -0.83 7.30 12.29
N ARG A 96 -1.66 6.64 13.09
CA ARG A 96 -1.13 5.84 14.20
C ARG A 96 -0.30 4.67 13.71
N ILE A 97 -0.71 4.02 12.63
CA ILE A 97 0.07 2.89 12.13
C ILE A 97 1.38 3.36 11.51
N LEU A 98 1.31 4.40 10.66
CA LEU A 98 2.53 4.87 9.97
C LEU A 98 3.58 5.36 10.96
N GLN A 99 3.16 6.05 12.02
CA GLN A 99 4.16 6.49 12.97
C GLN A 99 4.76 5.35 13.79
N ALA A 100 4.19 4.13 13.77
CA ALA A 100 4.71 3.01 14.56
C ALA A 100 5.44 1.92 13.79
N VAL A 101 5.33 1.86 12.45
CA VAL A 101 5.98 0.77 11.70
C VAL A 101 7.38 1.14 11.23
N ASN A 102 8.12 0.13 10.76
CA ASN A 102 9.50 0.31 10.32
C ASN A 102 9.91 -0.97 9.57
N PHE A 103 10.06 -0.88 8.24
CA PHE A 103 10.40 -2.05 7.43
C PHE A 103 10.98 -1.56 6.10
N PRO A 104 11.94 -2.28 5.48
CA PRO A 104 12.62 -1.74 4.30
C PRO A 104 11.72 -1.26 3.18
N PHE A 105 10.56 -1.89 2.96
CA PHE A 105 9.75 -1.57 1.78
C PHE A 105 8.51 -0.74 2.12
N LEU A 106 8.51 -0.05 3.27
CA LEU A 106 7.45 0.91 3.64
C LEU A 106 7.99 2.34 3.61
N VAL A 107 7.25 3.28 3.02
N VAL A 107 7.23 3.27 3.04
CA VAL A 107 7.61 4.69 3.09
CA VAL A 107 7.61 4.69 3.13
C VAL A 107 7.58 5.17 4.54
C VAL A 107 7.61 5.13 4.58
N LYS A 108 8.57 5.98 4.93
CA LYS A 108 8.72 6.46 6.30
C LYS A 108 7.96 7.76 6.54
N LEU A 109 7.26 7.83 7.66
CA LEU A 109 6.61 9.09 8.07
C LEU A 109 7.61 9.97 8.82
N GLU A 110 7.85 11.20 8.33
CA GLU A 110 8.84 12.06 8.96
C GLU A 110 8.24 13.06 9.96
N PHE A 111 7.06 13.60 9.68
CA PHE A 111 6.37 14.59 10.54
C PHE A 111 4.87 14.40 10.44
N SER A 112 4.13 14.82 11.50
CA SER A 112 2.68 15.00 11.40
C SER A 112 2.24 16.19 12.26
N PHE A 113 1.11 16.79 11.87
CA PHE A 113 0.53 17.94 12.58
C PHE A 113 -0.85 18.23 12.00
N LYS A 114 -1.58 19.14 12.66
CA LYS A 114 -2.89 19.55 12.20
C LYS A 114 -3.03 21.06 12.44
N ASP A 115 -4.06 21.65 11.83
CA ASP A 115 -4.38 23.07 12.09
C ASP A 115 -5.89 23.24 12.07
N ASN A 116 -6.36 24.48 11.87
CA ASN A 116 -7.81 24.72 11.96
C ASN A 116 -8.61 23.92 10.95
N SER A 117 -8.05 23.68 9.75
CA SER A 117 -8.79 23.05 8.66
C SER A 117 -8.34 21.63 8.30
N ASN A 118 -7.06 21.31 8.39
CA ASN A 118 -6.50 20.12 7.77
C ASN A 118 -5.71 19.24 8.73
N LEU A 119 -5.53 17.97 8.30
CA LEU A 119 -4.55 17.02 8.82
C LEU A 119 -3.42 16.87 7.82
N TYR A 120 -2.18 16.76 8.33
CA TYR A 120 -0.97 16.64 7.50
C TYR A 120 -0.11 15.46 7.90
N MET A 121 0.27 14.65 6.91
CA MET A 121 1.24 13.57 7.12
C MET A 121 2.39 13.77 6.15
N VAL A 122 3.60 14.03 6.67
CA VAL A 122 4.76 14.38 5.83
C VAL A 122 5.65 13.15 5.69
N MET A 123 5.74 12.58 4.48
CA MET A 123 6.41 11.31 4.16
CA MET A 123 6.51 11.35 4.33
C MET A 123 7.69 11.54 3.36
N GLU A 124 8.58 10.55 3.36
CA GLU A 124 9.66 10.46 2.37
C GLU A 124 9.11 10.65 0.96
N TYR A 125 9.83 11.42 0.10
CA TYR A 125 9.47 11.52 -1.31
C TYR A 125 10.22 10.46 -2.11
N VAL A 126 9.50 9.70 -2.93
CA VAL A 126 10.07 8.64 -3.76
C VAL A 126 9.97 9.06 -5.23
N PRO A 127 11.06 9.53 -5.87
CA PRO A 127 10.91 10.23 -7.16
C PRO A 127 10.64 9.34 -8.36
N GLY A 128 10.80 8.02 -8.26
CA GLY A 128 10.63 7.16 -9.43
C GLY A 128 9.19 6.96 -9.90
N GLY A 129 8.20 7.39 -9.11
CA GLY A 129 6.81 7.28 -9.52
C GLY A 129 6.16 5.94 -9.16
N GLU A 130 4.88 5.82 -9.54
CA GLU A 130 4.06 4.64 -9.26
C GLU A 130 4.41 3.48 -10.19
N MET A 131 4.40 2.25 -9.61
CA MET A 131 4.57 1.06 -10.43
C MET A 131 3.57 1.03 -11.59
N PHE A 132 2.36 1.56 -11.38
CA PHE A 132 1.34 1.55 -12.43
C PHE A 132 1.80 2.24 -13.71
N SER A 133 2.46 3.40 -13.59
CA SER A 133 2.96 4.12 -14.77
CA SER A 133 2.94 4.11 -14.78
C SER A 133 3.96 3.28 -15.55
N HIS A 134 4.90 2.65 -14.84
CA HIS A 134 5.91 1.86 -15.56
C HIS A 134 5.31 0.61 -16.21
N LEU A 135 4.38 -0.05 -15.51
CA LEU A 135 3.67 -1.21 -16.09
C LEU A 135 2.95 -0.83 -17.39
N ARG A 136 2.26 0.31 -17.40
CA ARG A 136 1.53 0.70 -18.62
C ARG A 136 2.45 1.18 -19.73
N ARG A 137 3.62 1.73 -19.41
CA ARG A 137 4.55 2.18 -20.45
C ARG A 137 5.22 0.97 -21.15
N ILE A 138 5.56 -0.07 -20.37
CA ILE A 138 6.23 -1.28 -20.88
C ILE A 138 5.24 -2.27 -21.50
N GLY A 139 4.01 -2.33 -20.98
CA GLY A 139 2.99 -3.27 -21.42
C GLY A 139 2.71 -4.37 -20.41
N ARG A 140 3.71 -5.23 -20.17
CA ARG A 140 3.65 -6.19 -19.06
C ARG A 140 5.08 -6.40 -18.59
N PHE A 141 5.22 -6.94 -17.37
CA PHE A 141 6.54 -7.30 -16.83
C PHE A 141 6.82 -8.78 -17.14
N SEP A 142 8.06 -9.09 -17.46
CA SEP A 142 8.49 -10.52 -17.53
CB SEP A 142 9.95 -10.59 -17.96
OG SEP A 142 10.79 -10.21 -16.88
C SEP A 142 8.28 -11.25 -16.18
O SEP A 142 8.20 -10.63 -15.14
P SEP A 142 12.36 -9.90 -17.23
O1P SEP A 142 12.41 -8.84 -18.45
O2P SEP A 142 13.12 -9.38 -15.92
O3P SEP A 142 13.11 -11.22 -17.75
N GLU A 143 8.24 -12.59 -16.16
CA GLU A 143 8.00 -13.24 -14.87
C GLU A 143 9.13 -12.96 -13.84
N PRO A 144 10.43 -12.91 -14.25
CA PRO A 144 11.44 -12.56 -13.25
C PRO A 144 11.24 -11.15 -12.67
N HIS A 145 10.82 -10.21 -13.52
CA HIS A 145 10.56 -8.84 -13.07
C HIS A 145 9.36 -8.77 -12.10
N ALA A 146 8.25 -9.42 -12.46
CA ALA A 146 7.10 -9.49 -11.55
C ALA A 146 7.44 -10.17 -10.24
N ARG A 147 8.28 -11.24 -10.32
CA ARG A 147 8.63 -12.03 -9.14
C ARG A 147 9.51 -11.23 -8.16
N PHE A 148 10.40 -10.38 -8.69
CA PHE A 148 11.19 -9.47 -7.85
C PHE A 148 10.29 -8.55 -6.99
N TYR A 149 9.29 -7.90 -7.61
CA TYR A 149 8.33 -7.08 -6.88
C TYR A 149 7.47 -7.93 -5.95
N ALA A 150 6.98 -9.08 -6.43
CA ALA A 150 6.11 -9.90 -5.59
C ALA A 150 6.80 -10.37 -4.30
N ALA A 151 8.10 -10.73 -4.38
CA ALA A 151 8.81 -11.18 -3.18
C ALA A 151 8.83 -10.10 -2.10
N GLN A 152 8.99 -8.84 -2.52
CA GLN A 152 8.97 -7.72 -1.56
C GLN A 152 7.61 -7.58 -0.89
N ILE A 153 6.51 -7.80 -1.63
CA ILE A 153 5.17 -7.73 -1.02
C ILE A 153 4.94 -8.90 -0.07
N VAL A 154 5.41 -10.10 -0.42
CA VAL A 154 5.28 -11.25 0.50
C VAL A 154 5.95 -10.94 1.84
N LEU A 155 7.18 -10.41 1.79
CA LEU A 155 7.91 -10.09 3.03
C LEU A 155 7.23 -8.96 3.81
N THR A 156 6.70 -7.97 3.11
CA THR A 156 6.02 -6.86 3.79
C THR A 156 4.74 -7.32 4.48
N PHE A 157 3.99 -8.23 3.84
CA PHE A 157 2.79 -8.78 4.47
C PHE A 157 3.14 -9.72 5.62
N GLU A 158 4.22 -10.50 5.52
CA GLU A 158 4.66 -11.29 6.68
C GLU A 158 4.90 -10.39 7.91
N TYR A 159 5.57 -9.25 7.70
CA TYR A 159 5.80 -8.25 8.74
C TYR A 159 4.49 -7.65 9.26
N LEU A 160 3.64 -7.09 8.37
CA LEU A 160 2.41 -6.43 8.82
C LEU A 160 1.47 -7.40 9.54
N HIS A 161 1.26 -8.60 8.97
CA HIS A 161 0.33 -9.54 9.58
C HIS A 161 0.80 -10.00 10.96
N SER A 162 2.13 -10.10 11.18
CA SER A 162 2.65 -10.49 12.48
C SER A 162 2.37 -9.45 13.57
N LEU A 163 2.17 -8.18 13.18
CA LEU A 163 1.74 -7.10 14.06
C LEU A 163 0.23 -7.01 14.21
N ASP A 164 -0.52 -7.99 13.68
CA ASP A 164 -1.99 -7.98 13.69
C ASP A 164 -2.56 -6.83 12.84
N LEU A 165 -1.84 -6.41 11.79
CA LEU A 165 -2.31 -5.39 10.84
C LEU A 165 -2.77 -6.03 9.53
N ILE A 166 -3.85 -5.50 8.95
CA ILE A 166 -4.32 -5.81 7.60
C ILE A 166 -4.13 -4.54 6.75
N TYR A 167 -3.64 -4.69 5.52
CA TYR A 167 -3.29 -3.52 4.68
C TYR A 167 -4.49 -2.97 3.88
N ARG A 168 -5.19 -3.84 3.15
CA ARG A 168 -6.50 -3.61 2.51
C ARG A 168 -6.49 -2.62 1.34
N ASP A 169 -5.33 -2.26 0.76
CA ASP A 169 -5.37 -1.43 -0.45
C ASP A 169 -4.21 -1.77 -1.44
N LEU A 170 -3.87 -3.06 -1.57
CA LEU A 170 -2.83 -3.42 -2.53
C LEU A 170 -3.29 -3.23 -3.98
N LYS A 171 -2.51 -2.48 -4.76
CA LYS A 171 -2.75 -2.20 -6.18
C LYS A 171 -1.51 -1.47 -6.72
N PRO A 172 -1.28 -1.49 -8.05
CA PRO A 172 -0.03 -0.91 -8.59
C PRO A 172 0.14 0.58 -8.34
N GLU A 173 -0.97 1.33 -8.20
CA GLU A 173 -0.88 2.76 -7.94
C GLU A 173 -0.30 3.08 -6.57
N ASN A 174 -0.32 2.12 -5.64
CA ASN A 174 0.15 2.37 -4.29
C ASN A 174 1.56 1.87 -4.04
N LEU A 175 2.29 1.41 -5.09
CA LEU A 175 3.64 0.87 -4.93
C LEU A 175 4.58 1.83 -5.67
N LEU A 176 5.39 2.60 -4.95
CA LEU A 176 6.32 3.53 -5.61
C LEU A 176 7.66 2.84 -5.84
N ILE A 177 8.38 3.25 -6.90
CA ILE A 177 9.68 2.65 -7.23
C ILE A 177 10.80 3.63 -6.87
N ASP A 178 11.77 3.17 -6.04
CA ASP A 178 12.80 4.09 -5.52
C ASP A 178 14.04 4.13 -6.42
N GLN A 179 15.04 4.92 -5.98
CA GLN A 179 16.22 5.18 -6.82
C GLN A 179 16.98 3.90 -7.14
N GLN A 180 16.87 2.86 -6.31
CA GLN A 180 17.56 1.58 -6.59
C GLN A 180 16.64 0.55 -7.23
N GLY A 181 15.42 0.94 -7.59
CA GLY A 181 14.48 0.05 -8.25
C GLY A 181 13.66 -0.83 -7.33
N TYR A 182 13.70 -0.62 -6.00
CA TYR A 182 12.90 -1.37 -5.03
C TYR A 182 11.56 -0.67 -4.75
N ILE A 183 10.60 -1.44 -4.21
CA ILE A 183 9.25 -0.94 -3.87
C ILE A 183 9.23 -0.17 -2.55
N GLN A 184 8.46 0.91 -2.51
CA GLN A 184 8.07 1.58 -1.27
C GLN A 184 6.56 1.69 -1.23
N VAL A 185 5.91 1.02 -0.24
CA VAL A 185 4.45 1.00 -0.15
C VAL A 185 4.00 2.30 0.50
N THR A 186 3.05 2.98 -0.15
CA THR A 186 2.47 4.22 0.35
C THR A 186 0.95 4.03 0.49
N ASP A 187 0.31 4.96 1.19
CA ASP A 187 -1.13 4.99 1.38
C ASP A 187 -1.61 3.91 2.36
N PHE A 188 -1.63 4.25 3.64
CA PHE A 188 -2.16 3.38 4.69
C PHE A 188 -3.60 3.78 5.07
N GLY A 189 -4.32 4.39 4.12
CA GLY A 189 -5.64 4.93 4.40
C GLY A 189 -6.68 3.92 4.88
N PHE A 190 -6.57 2.66 4.44
CA PHE A 190 -7.48 1.59 4.88
C PHE A 190 -6.84 0.58 5.83
N ALA A 191 -5.59 0.74 6.26
CA ALA A 191 -4.95 -0.24 7.13
C ALA A 191 -5.55 -0.21 8.54
N LYS A 192 -5.57 -1.38 9.19
CA LYS A 192 -6.21 -1.46 10.50
C LYS A 192 -5.58 -2.54 11.37
N ARG A 193 -5.48 -2.29 12.68
CA ARG A 193 -5.07 -3.35 13.62
C ARG A 193 -6.30 -4.14 14.04
N VAL A 194 -6.22 -5.47 13.86
N VAL A 194 -6.25 -5.48 13.93
CA VAL A 194 -7.37 -6.38 13.83
CA VAL A 194 -7.41 -6.30 14.21
C VAL A 194 -6.98 -7.68 14.52
C VAL A 194 -7.01 -7.48 15.10
N LYS A 195 -7.56 -7.94 15.69
N LYS A 195 -7.90 -7.84 16.03
CA LYS A 195 -7.43 -9.23 16.36
CA LYS A 195 -7.68 -9.03 16.85
C LYS A 195 -8.73 -10.00 16.07
C LYS A 195 -8.06 -10.30 16.09
N GLY A 196 -8.66 -10.94 15.12
N GLY A 196 -9.18 -10.27 15.39
CA GLY A 196 -9.83 -11.69 14.72
CA GLY A 196 -9.61 -11.39 14.59
C GLY A 196 -10.32 -11.34 13.32
C GLY A 196 -10.20 -10.93 13.27
N ARG A 197 -11.52 -10.76 13.24
CA ARG A 197 -12.22 -10.40 12.01
C ARG A 197 -12.50 -8.90 12.01
N THR A 198 -12.79 -8.35 10.82
CA THR A 198 -13.29 -6.98 10.67
C THR A 198 -14.32 -6.96 9.53
N TRP A 199 -15.10 -5.86 9.45
CA TRP A 199 -16.32 -5.83 8.60
C TRP A 199 -16.49 -4.64 7.62
N TPO A 200 -15.58 -3.67 7.61
CA TPO A 200 -15.85 -2.49 6.77
CB TPO A 200 -14.90 -1.32 7.07
CG2 TPO A 200 -15.32 -0.04 6.40
OG1 TPO A 200 -14.94 -1.13 8.47
P TPO A 200 -13.54 -1.32 9.38
O1P TPO A 200 -12.52 -0.27 8.92
O2P TPO A 200 -13.95 -1.23 10.87
O3P TPO A 200 -13.15 -2.79 9.05
C TPO A 200 -15.77 -2.83 5.28
O TPO A 200 -14.76 -3.40 4.78
N LEU A 201 -16.67 -2.29 4.47
CA LEU A 201 -16.55 -2.36 3.03
C LEU A 201 -15.61 -1.25 2.56
N CYS A 202 -14.41 -1.63 2.11
CA CYS A 202 -13.46 -0.64 1.59
C CYS A 202 -12.44 -1.34 0.71
N GLY A 203 -11.72 -0.55 -0.08
CA GLY A 203 -10.80 -1.04 -1.09
C GLY A 203 -11.14 -0.51 -2.47
N THR A 204 -10.44 -1.04 -3.49
CA THR A 204 -10.70 -0.79 -4.89
C THR A 204 -11.38 -2.03 -5.50
N PRO A 205 -12.46 -1.86 -6.28
CA PRO A 205 -13.28 -3.02 -6.69
C PRO A 205 -12.52 -4.18 -7.31
N GLU A 206 -11.59 -3.89 -8.22
CA GLU A 206 -10.86 -4.95 -8.95
C GLU A 206 -10.07 -5.85 -8.04
N TYR A 207 -9.74 -5.39 -6.82
N TYR A 207 -9.74 -5.40 -6.82
CA TYR A 207 -8.84 -6.10 -5.92
CA TYR A 207 -8.85 -6.15 -5.93
C TYR A 207 -9.55 -6.74 -4.73
C TYR A 207 -9.56 -6.73 -4.72
N LEU A 208 -10.87 -6.58 -4.61
CA LEU A 208 -11.59 -7.07 -3.43
C LEU A 208 -11.80 -8.58 -3.42
N ALA A 209 -11.52 -9.21 -2.27
CA ALA A 209 -11.79 -10.63 -2.08
C ALA A 209 -13.30 -10.92 -2.03
N PRO A 210 -13.74 -12.15 -2.40
CA PRO A 210 -15.20 -12.45 -2.33
C PRO A 210 -15.84 -12.20 -0.97
N GLU A 211 -15.12 -12.47 0.13
CA GLU A 211 -15.76 -12.34 1.44
C GLU A 211 -16.00 -10.88 1.80
N ILE A 212 -15.24 -9.94 1.21
CA ILE A 212 -15.55 -8.50 1.41
C ILE A 212 -16.84 -8.13 0.68
N ILE A 213 -16.96 -8.53 -0.59
CA ILE A 213 -18.14 -8.23 -1.40
C ILE A 213 -19.40 -8.80 -0.75
N LEU A 214 -19.31 -10.00 -0.16
CA LEU A 214 -20.46 -10.67 0.47
C LEU A 214 -20.78 -10.18 1.91
N SER A 215 -20.11 -9.12 2.39
N SER A 215 -20.12 -9.11 2.38
CA SER A 215 -20.40 -8.52 3.68
CA SER A 215 -20.39 -8.51 3.69
C SER A 215 -20.18 -9.50 4.84
C SER A 215 -20.19 -9.51 4.82
N LYS A 216 -19.17 -10.36 4.70
CA LYS A 216 -18.79 -11.27 5.76
C LYS A 216 -17.78 -10.61 6.71
N GLY A 217 -17.62 -11.19 7.90
CA GLY A 217 -16.48 -10.85 8.72
C GLY A 217 -15.23 -11.48 8.12
N TYR A 218 -14.20 -10.68 7.85
CA TYR A 218 -13.04 -11.15 7.10
C TYR A 218 -11.73 -10.86 7.84
N ASN A 219 -10.63 -11.48 7.39
CA ASN A 219 -9.34 -11.39 8.09
C ASN A 219 -8.20 -11.16 7.07
N LYS A 220 -6.94 -11.39 7.50
CA LYS A 220 -5.75 -11.12 6.67
C LYS A 220 -5.73 -11.88 5.34
N ALA A 221 -6.51 -12.97 5.22
CA ALA A 221 -6.61 -13.66 3.92
C ALA A 221 -7.00 -12.74 2.77
N VAL A 222 -7.64 -11.59 3.04
CA VAL A 222 -8.00 -10.70 1.93
C VAL A 222 -6.76 -10.02 1.31
N ASP A 223 -5.68 -9.83 2.08
CA ASP A 223 -4.43 -9.29 1.49
C ASP A 223 -3.78 -10.32 0.54
N TRP A 224 -3.82 -11.62 0.89
CA TRP A 224 -3.25 -12.66 0.01
C TRP A 224 -4.05 -12.80 -1.29
N TRP A 225 -5.39 -12.66 -1.24
CA TRP A 225 -6.17 -12.62 -2.46
C TRP A 225 -5.71 -11.45 -3.33
N ALA A 226 -5.59 -10.27 -2.72
CA ALA A 226 -5.15 -9.11 -3.49
C ALA A 226 -3.76 -9.30 -4.11
N LEU A 227 -2.85 -10.05 -3.46
CA LEU A 227 -1.54 -10.32 -4.05
C LEU A 227 -1.71 -11.18 -5.31
N GLY A 228 -2.63 -12.15 -5.28
CA GLY A 228 -2.96 -12.88 -6.50
C GLY A 228 -3.39 -11.96 -7.65
N VAL A 229 -4.26 -10.98 -7.35
CA VAL A 229 -4.69 -10.02 -8.39
C VAL A 229 -3.49 -9.20 -8.91
N LEU A 230 -2.61 -8.75 -8.00
CA LEU A 230 -1.47 -7.93 -8.40
C LEU A 230 -0.49 -8.71 -9.28
N ILE A 231 -0.18 -9.96 -8.89
CA ILE A 231 0.78 -10.76 -9.69
C ILE A 231 0.21 -11.04 -11.09
N TYR A 232 -1.08 -11.40 -11.17
CA TYR A 232 -1.72 -11.55 -12.49
C TYR A 232 -1.59 -10.25 -13.31
N GLU A 233 -1.92 -9.09 -12.71
CA GLU A 233 -1.84 -7.80 -13.42
CA GLU A 233 -1.86 -7.85 -13.48
C GLU A 233 -0.42 -7.51 -13.92
N MET A 234 0.58 -7.69 -13.05
CA MET A 234 1.97 -7.45 -13.47
C MET A 234 2.39 -8.33 -14.64
N ALA A 235 1.99 -9.62 -14.64
CA ALA A 235 2.46 -10.55 -15.67
C ALA A 235 1.63 -10.50 -16.96
N ALA A 236 0.37 -10.09 -16.89
CA ALA A 236 -0.48 -10.03 -18.09
C ALA A 236 -0.57 -8.63 -18.69
N GLY A 237 -0.53 -7.61 -17.83
CA GLY A 237 -0.75 -6.23 -18.21
C GLY A 237 -2.13 -5.69 -17.88
N TYR A 238 -3.05 -6.54 -17.43
CA TYR A 238 -4.39 -6.16 -17.04
C TYR A 238 -4.84 -7.10 -15.93
N PRO A 239 -5.80 -6.69 -15.09
CA PRO A 239 -6.20 -7.51 -13.93
C PRO A 239 -7.13 -8.63 -14.36
N PRO A 240 -7.32 -9.65 -13.51
CA PRO A 240 -8.12 -10.81 -13.93
C PRO A 240 -9.62 -10.53 -14.01
N PHE A 241 -10.15 -9.63 -13.17
CA PHE A 241 -11.60 -9.32 -13.14
C PHE A 241 -11.84 -7.84 -13.48
N PHE A 242 -12.56 -7.58 -14.58
CA PHE A 242 -12.78 -6.19 -15.01
C PHE A 242 -14.10 -6.05 -15.76
N ALA A 243 -14.66 -4.83 -15.70
CA ALA A 243 -15.93 -4.53 -16.36
C ALA A 243 -16.24 -3.05 -16.18
N ASP A 244 -17.26 -2.57 -16.90
CA ASP A 244 -17.59 -1.16 -16.83
C ASP A 244 -18.29 -0.80 -15.53
N GLN A 245 -19.11 -1.71 -14.96
CA GLN A 245 -19.77 -1.37 -13.70
C GLN A 245 -19.28 -2.29 -12.58
N PRO A 246 -19.11 -1.76 -11.37
CA PRO A 246 -18.65 -2.60 -10.24
C PRO A 246 -19.51 -3.83 -10.00
N ILE A 247 -20.83 -3.72 -10.09
CA ILE A 247 -21.67 -4.90 -9.90
C ILE A 247 -21.23 -6.04 -10.80
N GLN A 248 -20.84 -5.71 -12.04
CA GLN A 248 -20.37 -6.75 -12.97
C GLN A 248 -19.01 -7.32 -12.55
N ILE A 249 -18.13 -6.46 -12.02
CA ILE A 249 -16.85 -6.95 -11.50
C ILE A 249 -17.09 -7.90 -10.33
N TYR A 250 -18.00 -7.53 -9.43
CA TYR A 250 -18.27 -8.35 -8.24
C TYR A 250 -18.81 -9.73 -8.62
N GLU A 251 -19.62 -9.80 -9.69
CA GLU A 251 -20.14 -11.10 -10.15
C GLU A 251 -19.02 -12.00 -10.67
N LYS A 252 -18.03 -11.43 -11.36
CA LYS A 252 -16.91 -12.23 -11.84
C LYS A 252 -16.04 -12.71 -10.67
N ILE A 253 -15.83 -11.84 -9.67
CA ILE A 253 -14.98 -12.20 -8.53
C ILE A 253 -15.57 -13.39 -7.76
N VAL A 254 -16.88 -13.34 -7.45
CA VAL A 254 -17.47 -14.41 -6.62
C VAL A 254 -17.60 -15.74 -7.37
N SER A 255 -17.44 -15.72 -8.71
N SER A 255 -17.73 -15.70 -8.70
CA SER A 255 -17.76 -16.87 -9.57
CA SER A 255 -17.54 -16.93 -9.45
C SER A 255 -16.85 -18.08 -9.35
C SER A 255 -16.08 -17.33 -9.41
N GLY A 256 -15.57 -17.86 -9.06
N GLY A 256 -15.18 -16.35 -9.33
CA GLY A 256 -14.64 -18.97 -8.94
CA GLY A 256 -13.75 -16.56 -9.41
C GLY A 256 -14.03 -19.45 -10.24
C GLY A 256 -13.30 -17.20 -10.69
N LYS A 257 -14.00 -18.61 -11.29
N LYS A 257 -14.14 -17.21 -11.73
CA LYS A 257 -13.41 -18.93 -12.59
CA LYS A 257 -13.71 -17.80 -12.99
C LYS A 257 -12.53 -17.78 -13.08
C LYS A 257 -12.59 -16.95 -13.59
N VAL A 258 -11.37 -18.12 -13.65
N VAL A 258 -11.42 -17.54 -13.76
CA VAL A 258 -10.43 -17.15 -14.23
CA VAL A 258 -10.22 -16.82 -14.16
C VAL A 258 -9.83 -17.77 -15.48
C VAL A 258 -9.54 -17.59 -15.28
N ARG A 259 -9.37 -16.94 -16.42
CA ARG A 259 -8.64 -17.44 -17.58
C ARG A 259 -7.23 -16.86 -17.60
N PHE A 260 -6.23 -17.71 -17.95
CA PHE A 260 -4.83 -17.27 -17.94
C PHE A 260 -4.28 -17.15 -19.35
N PRO A 261 -3.50 -16.11 -19.67
CA PRO A 261 -2.82 -16.05 -20.97
C PRO A 261 -1.93 -17.27 -21.19
N SER A 262 -1.77 -17.67 -22.47
CA SER A 262 -0.97 -18.86 -22.74
C SER A 262 0.51 -18.66 -22.43
N HIS A 263 1.00 -17.42 -22.43
CA HIS A 263 2.40 -17.22 -22.09
C HIS A 263 2.72 -17.38 -20.61
N PHE A 264 1.72 -17.47 -19.73
CA PHE A 264 1.98 -17.78 -18.30
C PHE A 264 2.65 -19.15 -18.14
N SER A 265 3.70 -19.20 -17.32
CA SER A 265 4.29 -20.50 -16.94
C SER A 265 3.30 -21.39 -16.14
N SER A 266 3.53 -22.73 -16.17
CA SER A 266 2.66 -23.59 -15.37
C SER A 266 2.78 -23.31 -13.88
N ASP A 267 4.00 -23.00 -13.41
CA ASP A 267 4.19 -22.65 -12.01
C ASP A 267 3.40 -21.39 -11.62
N LEU A 268 3.34 -20.41 -12.53
CA LEU A 268 2.61 -19.16 -12.22
C LEU A 268 1.11 -19.43 -12.13
N LYS A 269 0.57 -20.19 -13.06
CA LYS A 269 -0.84 -20.54 -13.00
C LYS A 269 -1.18 -21.29 -11.71
N ASP A 270 -0.32 -22.23 -11.28
CA ASP A 270 -0.59 -22.98 -10.05
C ASP A 270 -0.59 -22.06 -8.83
N LEU A 271 0.37 -21.14 -8.72
CA LEU A 271 0.38 -20.20 -7.59
C LEU A 271 -0.91 -19.37 -7.58
N LEU A 272 -1.31 -18.85 -8.75
CA LEU A 272 -2.48 -17.94 -8.85
C LEU A 272 -3.78 -18.67 -8.51
N ARG A 273 -3.90 -19.95 -8.88
CA ARG A 273 -5.09 -20.71 -8.48
C ARG A 273 -5.20 -20.84 -6.96
N ASN A 274 -4.06 -20.87 -6.25
CA ASN A 274 -4.08 -21.01 -4.81
C ASN A 274 -4.22 -19.69 -4.06
N LEU A 275 -3.83 -18.55 -4.67
CA LEU A 275 -4.07 -17.22 -4.07
C LEU A 275 -5.48 -16.71 -4.37
N LEU A 276 -5.95 -16.94 -5.61
CA LEU A 276 -7.29 -16.55 -6.08
C LEU A 276 -8.30 -17.67 -5.82
N GLN A 277 -8.22 -18.23 -4.62
CA GLN A 277 -9.09 -19.29 -4.14
C GLN A 277 -10.29 -18.64 -3.44
N VAL A 278 -11.51 -18.89 -3.94
CA VAL A 278 -12.68 -18.19 -3.40
C VAL A 278 -13.03 -18.64 -1.98
N ASP A 279 -12.69 -19.89 -1.60
CA ASP A 279 -12.90 -20.38 -0.23
C ASP A 279 -11.74 -19.91 0.62
N LEU A 280 -11.98 -18.94 1.50
CA LEU A 280 -10.90 -18.38 2.29
C LEU A 280 -10.19 -19.41 3.17
N THR A 281 -10.88 -20.50 3.55
CA THR A 281 -10.26 -21.50 4.42
C THR A 281 -9.29 -22.39 3.65
N LYS A 282 -9.26 -22.28 2.31
CA LYS A 282 -8.32 -23.03 1.50
C LYS A 282 -7.25 -22.15 0.83
N ARG A 283 -7.22 -20.85 1.11
CA ARG A 283 -6.39 -19.92 0.34
C ARG A 283 -4.96 -19.88 0.88
N PHE A 284 -3.97 -19.94 -0.02
CA PHE A 284 -2.57 -19.82 0.40
C PHE A 284 -2.33 -18.53 1.18
N GLY A 285 -1.50 -18.65 2.23
CA GLY A 285 -1.34 -17.59 3.21
C GLY A 285 -2.26 -17.70 4.42
N ASN A 286 -3.36 -18.47 4.31
CA ASN A 286 -4.32 -18.63 5.40
C ASN A 286 -4.44 -20.09 5.86
N LEU A 287 -3.44 -20.94 5.55
CA LEU A 287 -3.41 -22.32 6.02
C LEU A 287 -2.47 -22.47 7.23
N LYS A 288 -2.34 -23.71 7.72
CA LYS A 288 -1.53 -23.93 8.93
C LYS A 288 -0.09 -23.47 8.75
N ASN A 289 0.49 -23.61 7.56
CA ASN A 289 1.87 -23.16 7.36
C ASN A 289 2.00 -21.68 7.03
N GLY A 290 0.91 -20.93 7.01
CA GLY A 290 1.01 -19.47 6.86
C GLY A 290 1.75 -19.07 5.59
N VAL A 291 2.64 -18.09 5.73
CA VAL A 291 3.33 -17.53 4.57
C VAL A 291 4.29 -18.54 3.93
N ASN A 292 4.64 -19.64 4.62
CA ASN A 292 5.64 -20.50 4.01
C ASN A 292 5.08 -21.33 2.86
N ASP A 293 3.75 -21.54 2.79
CA ASP A 293 3.20 -22.14 1.59
C ASP A 293 3.50 -21.29 0.35
N ILE A 294 3.60 -19.97 0.53
CA ILE A 294 3.94 -19.08 -0.59
C ILE A 294 5.45 -19.04 -0.85
N LYS A 295 6.25 -18.85 0.19
CA LYS A 295 7.71 -18.75 -0.01
C LYS A 295 8.31 -20.04 -0.58
N ASN A 296 7.69 -21.20 -0.29
CA ASN A 296 8.21 -22.49 -0.75
C ASN A 296 7.57 -22.99 -2.04
N HIS A 297 6.62 -22.22 -2.61
CA HIS A 297 6.05 -22.62 -3.90
C HIS A 297 7.09 -22.59 -5.04
N LYS A 298 6.93 -23.50 -6.00
CA LYS A 298 7.84 -23.59 -7.14
C LYS A 298 8.04 -22.27 -7.92
N TRP A 299 7.02 -21.39 -7.98
CA TRP A 299 7.26 -20.16 -8.75
C TRP A 299 8.33 -19.28 -8.12
N PHE A 300 8.58 -19.43 -6.82
CA PHE A 300 9.59 -18.64 -6.10
C PHE A 300 10.92 -19.40 -5.90
N ALA A 301 11.15 -20.49 -6.67
CA ALA A 301 12.33 -21.30 -6.43
C ALA A 301 13.65 -20.55 -6.67
N THR A 302 13.67 -19.57 -7.59
CA THR A 302 14.86 -18.76 -7.83
C THR A 302 15.03 -17.60 -6.84
N THR A 303 14.10 -17.39 -5.89
CA THR A 303 14.17 -16.21 -5.02
C THR A 303 15.05 -16.45 -3.79
N ASP A 304 16.03 -15.56 -3.60
CA ASP A 304 16.85 -15.50 -2.38
C ASP A 304 16.22 -14.52 -1.41
N TRP A 305 15.43 -15.04 -0.45
CA TRP A 305 14.59 -14.19 0.40
C TRP A 305 15.42 -13.27 1.31
N ILE A 306 16.59 -13.75 1.78
CA ILE A 306 17.44 -12.91 2.63
C ILE A 306 18.09 -11.79 1.81
N ALA A 307 18.51 -12.11 0.58
CA ALA A 307 19.12 -11.10 -0.30
C ALA A 307 18.14 -10.00 -0.69
N ILE A 308 16.87 -10.35 -0.92
CA ILE A 308 15.85 -9.33 -1.20
C ILE A 308 15.67 -8.41 0.01
N TYR A 309 15.48 -9.01 1.18
CA TYR A 309 15.33 -8.22 2.42
C TYR A 309 16.50 -7.28 2.65
N GLN A 310 17.73 -7.77 2.42
CA GLN A 310 18.93 -6.94 2.61
C GLN A 310 19.19 -5.98 1.46
N ARG A 311 18.34 -5.98 0.42
CA ARG A 311 18.49 -5.12 -0.76
C ARG A 311 19.82 -5.35 -1.49
N LYS A 312 20.24 -6.62 -1.59
CA LYS A 312 21.49 -6.95 -2.25
C LYS A 312 21.33 -7.46 -3.68
N VAL A 313 20.10 -7.63 -4.16
CA VAL A 313 19.83 -8.04 -5.53
C VAL A 313 19.83 -6.81 -6.45
N GLU A 314 20.46 -6.91 -7.62
CA GLU A 314 20.38 -5.80 -8.56
C GLU A 314 18.99 -5.77 -9.20
N ALA A 315 18.36 -4.58 -9.19
CA ALA A 315 16.97 -4.52 -9.62
C ALA A 315 16.84 -4.70 -11.14
N PRO A 316 15.69 -5.16 -11.61
CA PRO A 316 15.49 -5.34 -13.06
C PRO A 316 15.34 -4.04 -13.82
N PHE A 317 15.03 -2.94 -13.15
CA PHE A 317 14.68 -1.69 -13.79
C PHE A 317 14.98 -0.55 -12.83
N ILE A 318 15.63 0.49 -13.32
CA ILE A 318 15.94 1.69 -12.53
C ILE A 318 15.20 2.87 -13.16
N PRO A 319 14.38 3.63 -12.40
CA PRO A 319 13.68 4.75 -13.03
C PRO A 319 14.64 5.87 -13.43
N LYS A 320 14.24 6.62 -14.47
CA LYS A 320 14.99 7.75 -15.01
C LYS A 320 14.51 9.05 -14.35
N PHE A 321 15.40 9.74 -13.65
CA PHE A 321 15.08 11.04 -13.07
C PHE A 321 16.39 11.75 -12.78
N LYS A 322 16.32 13.09 -12.66
CA LYS A 322 17.53 13.91 -12.59
C LYS A 322 18.00 14.20 -11.16
N GLY A 323 17.14 14.06 -10.16
CA GLY A 323 17.49 14.46 -8.81
C GLY A 323 16.34 14.26 -7.84
N PRO A 324 16.61 14.50 -6.55
CA PRO A 324 15.61 14.26 -5.51
C PRO A 324 14.36 15.12 -5.63
N GLY A 325 14.41 16.25 -6.32
CA GLY A 325 13.21 17.03 -6.55
C GLY A 325 12.54 16.90 -7.91
N ASP A 326 13.03 15.99 -8.78
CA ASP A 326 12.47 15.76 -10.11
CA ASP A 326 12.45 15.77 -10.11
C ASP A 326 11.07 15.17 -9.98
N THR A 327 10.08 15.76 -10.70
CA THR A 327 8.70 15.31 -10.72
C THR A 327 8.28 14.68 -12.06
N SER A 328 9.21 14.41 -12.97
N SER A 328 9.22 14.41 -12.96
CA SER A 328 8.85 13.97 -14.32
CA SER A 328 8.87 13.95 -14.31
C SER A 328 8.19 12.59 -14.38
C SER A 328 8.06 12.65 -14.30
N ASN A 329 8.26 11.80 -13.30
CA ASN A 329 7.59 10.48 -13.29
C ASN A 329 6.17 10.52 -12.70
N PHE A 330 5.68 11.69 -12.29
CA PHE A 330 4.31 11.94 -11.87
C PHE A 330 3.62 12.84 -12.91
N ASP A 331 2.30 12.92 -12.84
CA ASP A 331 1.53 13.61 -13.87
C ASP A 331 0.99 14.94 -13.34
N ASP A 332 0.24 15.65 -14.19
CA ASP A 332 -0.13 17.05 -13.95
C ASP A 332 -1.58 17.23 -13.50
N TYR A 333 -1.75 18.01 -12.42
N TYR A 333 -1.75 18.04 -12.44
CA TYR A 333 -3.04 18.30 -11.81
CA TYR A 333 -3.05 18.29 -11.83
C TYR A 333 -3.24 19.81 -11.70
C TYR A 333 -3.24 19.79 -11.64
N GLU A 334 -4.50 20.23 -11.66
CA GLU A 334 -4.78 21.64 -11.40
C GLU A 334 -4.24 22.02 -10.01
N GLU A 335 -3.51 23.14 -9.93
CA GLU A 335 -2.92 23.58 -8.66
C GLU A 335 -3.94 24.42 -7.87
N GLU A 336 -4.38 23.90 -6.71
CA GLU A 336 -5.37 24.58 -5.85
C GLU A 336 -4.76 25.07 -4.53
N GLU A 337 -5.44 26.03 -3.89
CA GLU A 337 -4.94 26.59 -2.63
C GLU A 337 -4.96 25.58 -1.46
N ILE A 338 -4.04 25.77 -0.52
CA ILE A 338 -4.09 25.11 0.79
C ILE A 338 -4.62 26.17 1.76
N ARG A 339 -5.94 26.24 1.91
CA ARG A 339 -6.57 27.25 2.78
C ARG A 339 -6.67 26.76 4.22
N VAL A 340 -6.46 27.68 5.16
CA VAL A 340 -6.58 27.36 6.57
C VAL A 340 -7.52 28.36 7.17
N SEP A 341 -8.64 27.88 7.70
CA SEP A 341 -9.66 28.78 8.22
CB SEP A 341 -10.92 27.97 8.54
OG SEP A 341 -11.86 28.74 9.27
C SEP A 341 -9.21 29.57 9.45
O SEP A 341 -8.35 29.12 10.23
P SEP A 341 -12.82 29.64 8.34
O1P SEP A 341 -14.18 29.85 9.19
O2P SEP A 341 -12.08 31.03 8.03
O3P SEP A 341 -13.20 28.89 6.97
N ILE A 342 -9.77 30.78 9.60
CA ILE A 342 -9.60 31.58 10.81
C ILE A 342 -10.14 30.86 12.06
N ASN A 343 -11.10 29.96 11.88
CA ASN A 343 -11.75 29.25 12.98
C ASN A 343 -11.46 27.74 12.93
N GLU A 344 -11.44 27.10 14.10
CA GLU A 344 -11.17 25.67 14.18
C GLU A 344 -12.38 24.84 13.76
N LYS A 345 -12.13 23.78 12.98
CA LYS A 345 -13.19 22.88 12.52
C LYS A 345 -12.94 21.49 13.07
N CYS A 346 -14.03 20.85 13.53
CA CYS A 346 -14.03 19.43 13.91
C CYS A 346 -12.96 19.09 14.96
N GLY A 347 -12.71 20.03 15.87
CA GLY A 347 -11.68 19.81 16.88
C GLY A 347 -11.88 18.52 17.66
N LYS A 348 -13.10 18.28 18.14
CA LYS A 348 -13.35 17.11 18.98
C LYS A 348 -13.00 15.83 18.26
N GLU A 349 -13.45 15.71 17.00
CA GLU A 349 -13.30 14.46 16.26
C GLU A 349 -11.85 14.04 16.10
N PHE A 350 -10.89 14.99 16.10
CA PHE A 350 -9.51 14.66 15.75
C PHE A 350 -8.54 14.95 16.89
N THR A 351 -9.02 14.94 18.13
CA THR A 351 -8.17 15.25 19.29
C THR A 351 -6.92 14.39 19.35
N GLU A 352 -7.02 13.11 18.98
CA GLU A 352 -5.90 12.19 19.15
C GLU A 352 -4.85 12.34 18.05
N PHE A 353 -5.16 13.04 16.96
CA PHE A 353 -4.23 13.15 15.84
C PHE A 353 -3.00 13.98 16.20
C1 PEG B . 6.61 9.34 -1.81
O1 PEG B . 6.41 10.01 -3.04
C2 PEG B . 5.43 9.26 -0.84
O2 PEG B . 4.25 8.73 -1.40
C3 PEG B . 3.26 9.71 -1.65
C4 PEG B . 2.76 9.66 -3.07
O4 PEG B . 3.76 10.13 -3.97
N A1JE9 C . -4.47 -0.98 -11.70
C A1JE9 C . -5.51 -0.42 -12.58
O A1JE9 C . -6.84 -2.26 -13.11
C1 A1JE9 C . -5.89 -1.37 -13.71
C10 A1JE9 C . -7.93 -4.10 -19.87
C11 A1JE9 C . -8.84 -4.44 -18.88
C12 A1JE9 C . -8.90 -3.68 -17.71
C2 A1JE9 C . -7.70 -1.46 -12.30
C3 A1JE9 C . -8.88 -0.86 -13.07
C4 A1JE9 C . -8.92 0.56 -12.53
C5 A1JE9 C . -6.86 -0.24 -11.87
C6 A1JE9 C . -8.78 -1.89 -15.25
C7 A1JE9 C . -8.04 -2.60 -17.52
C8 A1JE9 C . -7.13 -2.29 -18.53
C9 A1JE9 C . -7.08 -3.04 -19.69
N1 A1JE9 C . -8.04 -1.76 -16.38
O1 A1JE9 C . -7.54 0.91 -12.38
O2 A1JE9 C . -8.64 -0.77 -14.51
O3 A1JE9 C . -9.44 -2.85 -14.90
N A1JE9 D . 11.86 3.65 3.56
C A1JE9 D . 12.13 3.50 5.00
O A1JE9 D . 13.85 1.90 5.11
C1 A1JE9 D . 12.45 2.06 5.37
C10 A1JE9 D . 14.61 -3.98 9.20
C11 A1JE9 D . 13.50 -3.27 9.62
C12 A1JE9 D . 13.41 -1.91 9.36
C2 A1JE9 D . 14.51 3.14 5.39
C3 A1JE9 D . 15.16 3.18 6.80
C4 A1JE9 D . 14.66 4.50 7.34
C5 A1JE9 D . 13.43 4.22 5.45
C6 A1JE9 D . 15.01 0.89 7.55
C7 A1JE9 D . 14.41 -1.27 8.65
C8 A1JE9 D . 15.53 -2.00 8.23
C9 A1JE9 D . 15.62 -3.35 8.51
N1 A1JE9 D . 14.22 0.09 8.32
O1 A1JE9 D . 13.34 4.61 6.83
O2 A1JE9 D . 14.62 2.17 7.71
O3 A1JE9 D . 15.91 0.53 6.82
S DMS E . -2.04 22.06 17.05
O DMS E . -3.30 22.60 16.44
C1 DMS E . -1.13 23.48 17.72
C2 DMS E . -2.51 21.31 18.62
S DMS F . 16.86 -12.95 -6.65
O DMS F . 16.12 -13.39 -5.42
C1 DMS F . 18.56 -13.55 -6.53
C2 DMS F . 16.29 -13.89 -8.07
S DMS G . 6.48 21.71 16.20
O DMS G . 7.58 22.53 15.56
C1 DMS G . 6.94 21.46 17.93
C2 DMS G . 5.11 22.86 16.44
S DMS H . 12.62 -11.81 7.45
O DMS H . 11.44 -12.30 8.26
C1 DMS H . 12.38 -10.03 7.27
C2 DMS H . 14.02 -11.79 8.57
S DMS I . -7.16 4.11 16.63
O DMS I . -6.45 5.01 17.59
C1 DMS I . -5.86 3.40 15.60
C2 DMS I . -7.59 2.59 17.52
S DMS J . 10.04 9.93 -17.28
O DMS J . 8.91 10.79 -17.82
C1 DMS J . 11.54 10.89 -17.53
C2 DMS J . 10.28 8.58 -18.46
S DMS K . -5.83 -10.38 11.25
O DMS K . -6.14 -11.49 10.26
C1 DMS K . -4.22 -9.63 10.77
C2 DMS K . -5.22 -11.17 12.76
#